data_6AQK
#
_entry.id   6AQK
#
_cell.length_a   37.510
_cell.length_b   54.520
_cell.length_c   100.820
_cell.angle_alpha   90.000
_cell.angle_beta   90.000
_cell.angle_gamma   90.000
#
_symmetry.space_group_name_H-M   'P 21 21 21'
#
loop_
_entity.id
_entity.type
_entity.pdbx_description
1 polymer 'Toxin protein'
2 non-polymer 'PLATINUM (II) ION'
3 non-polymer 'CHLORIDE ION'
4 non-polymer 'BROMIDE ION'
5 water water
#
_entity_poly.entity_id   1
_entity_poly.type   'polypeptide(L)'
_entity_poly.pdbx_seq_one_letter_code
;GSGANGAKKNWVIKEDPALYKQQGGEYPYYSSFTIALQKLNISHYDSIIDMDNFISKWAEIGRNMKPAARDISHDKFIEV
QKTLGKIDAEWSGYHSADVNETFRGDTPVISNSYSWLAEFINESEGKSDTVQKSMDLEIKSPLIMSTAKDPKMGYVSGKT
IMWHFDLEPGHAGVSEGLYASEGEVTFPLYNRMKITSLQYLPEGRSYMDNPEQYGTSHRYIIKARMLPRS
;
_entity_poly.pdbx_strand_id   A
#
# COMPACT_ATOMS: atom_id res chain seq x y z
N LYS A 14 -24.27 -7.62 13.23
CA LYS A 14 -23.60 -6.31 13.27
C LYS A 14 -22.11 -6.50 13.70
N GLU A 15 -21.39 -7.40 13.03
CA GLU A 15 -19.97 -7.65 13.35
C GLU A 15 -19.07 -6.43 13.02
N ASP A 16 -18.03 -6.19 13.83
CA ASP A 16 -17.03 -5.18 13.42
C ASP A 16 -16.42 -5.66 12.09
N PRO A 17 -16.11 -4.73 11.20
CA PRO A 17 -15.32 -5.01 9.99
C PRO A 17 -14.09 -5.89 10.23
N ALA A 18 -13.98 -6.95 9.45
CA ALA A 18 -12.82 -7.78 9.46
C ALA A 18 -11.58 -7.00 9.13
N LEU A 19 -11.74 -5.90 8.40
CA LEU A 19 -10.58 -5.01 8.16
C LEU A 19 -9.80 -4.60 9.43
N TYR A 20 -10.49 -4.41 10.57
CA TYR A 20 -9.80 -4.07 11.82
C TYR A 20 -8.72 -5.08 12.16
N LYS A 21 -8.99 -6.37 11.97
CA LYS A 21 -7.99 -7.42 12.21
C LYS A 21 -6.64 -7.22 11.48
N GLN A 22 -6.67 -6.70 10.26
CA GLN A 22 -5.47 -6.46 9.50
C GLN A 22 -4.74 -5.18 9.92
N GLN A 23 -5.48 -4.20 10.46
CA GLN A 23 -4.93 -2.84 10.74
C GLN A 23 -4.36 -2.63 12.13
N GLY A 24 -4.67 -3.51 13.05
CA GLY A 24 -4.28 -3.39 14.46
C GLY A 24 -2.94 -4.03 14.73
N GLY A 25 -2.77 -4.50 15.97
CA GLY A 25 -1.49 -5.07 16.40
C GLY A 25 -1.10 -6.37 15.68
N GLU A 26 -2.03 -7.02 14.97
CA GLU A 26 -1.67 -8.19 14.17
C GLU A 26 -1.29 -7.85 12.74
N TYR A 27 -1.20 -6.57 12.44
CA TYR A 27 -0.69 -6.13 11.13
C TYR A 27 0.55 -6.91 10.60
N PRO A 28 1.60 -7.09 11.41
CA PRO A 28 2.77 -7.83 10.91
C PRO A 28 2.46 -9.22 10.31
N TYR A 29 1.50 -9.92 10.90
CA TYR A 29 1.07 -11.23 10.37
C TYR A 29 0.43 -11.04 8.96
N TYR A 30 -0.40 -10.04 8.82
CA TYR A 30 -1.12 -9.77 7.52
C TYR A 30 -0.18 -9.25 6.46
N SER A 31 0.66 -8.31 6.89
CA SER A 31 1.65 -7.74 5.98
C SER A 31 2.63 -8.83 5.48
N SER A 32 3.15 -9.64 6.39
CA SER A 32 4.06 -10.68 6.02
C SER A 32 3.44 -11.80 5.14
N PHE A 33 2.15 -12.08 5.36
CA PHE A 33 1.41 -13.01 4.55
C PHE A 33 1.33 -12.46 3.07
N THR A 34 1.03 -11.19 2.89
CA THR A 34 0.84 -10.69 1.55
C THR A 34 2.20 -10.53 0.88
N ILE A 35 3.23 -10.23 1.67
CA ILE A 35 4.59 -10.28 1.14
C ILE A 35 4.90 -11.68 0.65
N ALA A 36 4.59 -12.69 1.45
CA ALA A 36 4.83 -14.08 0.98
C ALA A 36 4.13 -14.40 -0.30
N LEU A 37 2.90 -13.93 -0.48
CA LEU A 37 2.16 -14.13 -1.74
C LEU A 37 2.94 -13.53 -2.92
N GLN A 38 3.53 -12.33 -2.72
CA GLN A 38 4.32 -11.70 -3.78
C GLN A 38 5.54 -12.53 -4.11
N LYS A 39 6.26 -12.93 -3.07
CA LYS A 39 7.57 -13.61 -3.22
C LYS A 39 7.38 -14.96 -3.88
N LEU A 40 6.23 -15.58 -3.71
CA LEU A 40 6.03 -16.88 -4.26
C LEU A 40 5.19 -16.82 -5.51
N ASN A 41 4.95 -15.62 -6.06
CA ASN A 41 4.07 -15.45 -7.20
C ASN A 41 2.73 -16.16 -7.10
N ILE A 42 2.09 -16.16 -5.93
CA ILE A 42 0.78 -16.79 -5.81
C ILE A 42 -0.28 -15.83 -6.41
N SER A 43 -1.16 -16.32 -7.26
CA SER A 43 -2.11 -15.39 -7.97
C SER A 43 -3.23 -14.88 -7.09
N HIS A 44 -3.63 -15.70 -6.13
CA HIS A 44 -4.74 -15.35 -5.30
C HIS A 44 -4.59 -16.04 -3.97
N TYR A 45 -4.88 -15.33 -2.90
CA TYR A 45 -4.73 -15.85 -1.52
C TYR A 45 -5.59 -17.09 -1.24
N ASP A 46 -6.69 -17.22 -1.97
CA ASP A 46 -7.47 -18.48 -1.89
C ASP A 46 -6.90 -19.68 -2.65
N SER A 47 -5.88 -19.49 -3.47
CA SER A 47 -5.38 -20.58 -4.30
C SER A 47 -3.94 -20.87 -3.95
N ILE A 48 -3.65 -21.26 -2.71
CA ILE A 48 -2.28 -21.55 -2.30
C ILE A 48 -2.11 -23.07 -2.29
N ILE A 49 -1.38 -23.62 -3.24
CA ILE A 49 -1.34 -25.09 -3.44
C ILE A 49 -0.34 -25.76 -2.49
N ASP A 50 0.86 -25.21 -2.43
CA ASP A 50 1.90 -25.69 -1.52
C ASP A 50 1.91 -24.92 -0.18
N MET A 51 0.93 -25.27 0.70
CA MET A 51 0.80 -24.80 2.13
C MET A 51 2.17 -24.74 2.83
N ASP A 52 2.93 -25.80 2.71
CA ASP A 52 4.10 -25.97 3.58
C ASP A 52 5.17 -25.02 3.20
N ASN A 53 5.37 -24.88 1.89
CA ASN A 53 6.34 -23.94 1.42
C ASN A 53 5.88 -22.49 1.73
N PHE A 54 4.58 -22.23 1.58
CA PHE A 54 4.08 -20.88 1.86
C PHE A 54 4.36 -20.51 3.32
N ILE A 55 3.98 -21.43 4.20
CA ILE A 55 4.12 -21.18 5.62
C ILE A 55 5.55 -20.92 5.98
N SER A 56 6.45 -21.71 5.40
CA SER A 56 7.88 -21.56 5.66
C SER A 56 8.45 -20.15 5.28
N LYS A 57 8.08 -19.69 4.10
CA LYS A 57 8.43 -18.37 3.64
C LYS A 57 7.79 -17.30 4.51
N TRP A 58 6.50 -17.46 4.77
CA TRP A 58 5.76 -16.51 5.60
C TRP A 58 6.46 -16.35 6.97
N ALA A 59 6.85 -17.47 7.57
CA ALA A 59 7.50 -17.43 8.91
C ALA A 59 8.81 -16.64 8.84
N GLU A 60 9.56 -16.88 7.78
CA GLU A 60 10.83 -16.20 7.57
C GLU A 60 10.62 -14.71 7.52
N ILE A 61 9.64 -14.26 6.72
CA ILE A 61 9.39 -12.82 6.61
C ILE A 61 8.89 -12.22 7.95
N GLY A 62 8.01 -12.95 8.61
CA GLY A 62 7.34 -12.46 9.81
C GLY A 62 8.30 -12.31 10.99
N ARG A 63 9.34 -13.12 11.01
CA ARG A 63 10.40 -12.93 12.04
C ARG A 63 11.22 -11.67 11.93
N ASN A 64 11.25 -11.07 10.74
CA ASN A 64 11.97 -9.81 10.50
C ASN A 64 11.12 -8.55 10.63
N MET A 65 9.87 -8.68 11.05
CA MET A 65 9.01 -7.48 11.15
C MET A 65 9.20 -6.85 12.50
N LYS A 66 8.85 -5.55 12.56
CA LYS A 66 8.85 -4.73 13.78
C LYS A 66 7.39 -4.30 14.08
N PRO A 67 6.72 -4.84 15.11
CA PRO A 67 7.19 -5.98 15.93
C PRO A 67 7.12 -7.31 15.18
N ALA A 68 7.84 -8.31 15.72
CA ALA A 68 8.02 -9.61 15.05
C ALA A 68 6.74 -10.44 15.11
N ALA A 69 6.34 -10.97 13.95
CA ALA A 69 5.29 -11.98 13.82
C ALA A 69 5.86 -13.38 13.99
N ARG A 70 5.87 -13.85 15.23
CA ARG A 70 6.47 -15.13 15.59
C ARG A 70 5.52 -16.31 15.68
N ASP A 71 4.22 -16.13 15.88
CA ASP A 71 3.33 -17.31 16.08
C ASP A 71 2.77 -17.83 14.75
N ILE A 72 3.65 -18.15 13.78
CA ILE A 72 3.18 -18.52 12.45
C ILE A 72 3.12 -20.05 12.37
N SER A 73 2.00 -20.57 11.88
CA SER A 73 1.61 -21.97 11.96
C SER A 73 0.46 -22.23 11.01
N HIS A 74 0.02 -23.49 10.89
CA HIS A 74 -1.06 -23.80 10.01
C HIS A 74 -2.32 -23.13 10.50
N ASP A 75 -2.54 -23.10 11.83
CA ASP A 75 -3.71 -22.38 12.42
C ASP A 75 -3.71 -20.88 12.08
N LYS A 76 -2.55 -20.26 12.17
CA LYS A 76 -2.50 -18.86 11.92
C LYS A 76 -2.70 -18.67 10.40
N PHE A 77 -2.22 -19.64 9.60
CA PHE A 77 -2.41 -19.61 8.15
C PHE A 77 -3.89 -19.57 7.85
N ILE A 78 -4.64 -20.47 8.47
CA ILE A 78 -6.08 -20.55 8.21
C ILE A 78 -6.81 -19.29 8.66
N GLU A 79 -6.41 -18.76 9.81
CA GLU A 79 -7.04 -17.55 10.32
C GLU A 79 -6.87 -16.34 9.35
N VAL A 80 -5.63 -16.13 8.91
CA VAL A 80 -5.27 -15.01 8.07
C VAL A 80 -5.98 -15.14 6.71
N GLN A 81 -5.94 -16.33 6.10
CA GLN A 81 -6.60 -16.57 4.82
C GLN A 81 -8.12 -16.29 4.88
N LYS A 82 -8.81 -16.80 5.91
CA LYS A 82 -10.23 -16.55 6.07
C LYS A 82 -10.52 -15.06 6.28
N THR A 83 -9.66 -14.35 7.02
CA THR A 83 -9.90 -12.96 7.33
C THR A 83 -9.80 -12.16 6.04
N LEU A 84 -8.80 -12.48 5.22
CA LEU A 84 -8.63 -11.81 3.89
C LEU A 84 -9.88 -11.99 3.05
N GLY A 85 -10.41 -13.22 3.05
CA GLY A 85 -11.69 -13.60 2.45
C GLY A 85 -12.85 -12.78 2.93
N LYS A 86 -12.98 -12.67 4.28
CA LYS A 86 -14.01 -11.84 4.86
C LYS A 86 -13.92 -10.41 4.51
N ILE A 87 -12.68 -9.86 4.47
CA ILE A 87 -12.52 -8.46 4.13
C ILE A 87 -13.10 -8.17 2.73
N ASP A 88 -12.84 -9.08 1.81
CA ASP A 88 -13.33 -8.91 0.42
C ASP A 88 -14.84 -9.11 0.33
N ALA A 89 -15.38 -10.06 1.11
CA ALA A 89 -16.82 -10.31 1.21
C ALA A 89 -17.59 -9.11 1.74
N GLU A 90 -16.96 -8.42 2.71
CA GLU A 90 -17.54 -7.27 3.34
C GLU A 90 -17.38 -6.02 2.57
N TRP A 91 -16.53 -6.04 1.56
CA TRP A 91 -15.97 -4.74 1.06
C TRP A 91 -17.06 -3.77 0.57
N SER A 92 -18.02 -4.29 -0.18
CA SER A 92 -19.07 -3.41 -0.75
C SER A 92 -19.90 -2.74 0.35
N GLY A 93 -19.96 -3.32 1.56
CA GLY A 93 -20.72 -2.79 2.70
C GLY A 93 -19.94 -1.73 3.48
N TYR A 94 -18.64 -1.52 3.19
CA TYR A 94 -17.84 -0.48 3.87
C TYR A 94 -18.14 0.90 3.33
N HIS A 95 -17.92 1.94 4.12
CA HIS A 95 -18.28 3.28 3.76
CA HIS A 95 -18.32 3.28 3.68
C HIS A 95 -17.28 3.75 2.70
N SER A 96 -17.74 4.12 1.51
CA SER A 96 -16.81 4.53 0.45
C SER A 96 -16.32 5.89 0.80
N ALA A 97 -15.05 6.14 0.53
CA ALA A 97 -14.53 7.49 0.78
C ALA A 97 -15.02 8.36 -0.35
N ASP A 98 -15.29 9.64 -0.07
CA ASP A 98 -15.82 10.55 -1.10
C ASP A 98 -14.86 11.72 -1.42
N VAL A 99 -13.59 11.55 -1.14
CA VAL A 99 -12.58 12.54 -1.53
C VAL A 99 -12.15 12.23 -2.96
N ASN A 100 -11.59 13.23 -3.63
CA ASN A 100 -11.07 13.15 -5.00
C ASN A 100 -9.65 12.60 -5.10
N GLU A 101 -8.94 12.61 -3.99
CA GLU A 101 -7.49 12.33 -4.01
C GLU A 101 -7.05 11.94 -2.59
N THR A 102 -6.07 11.05 -2.55
CA THR A 102 -5.43 10.64 -1.31
C THR A 102 -3.91 10.51 -1.56
N PHE A 103 -3.16 10.31 -0.47
CA PHE A 103 -1.76 10.38 -0.46
C PHE A 103 -1.24 9.30 0.40
N ARG A 104 -0.10 8.78 -0.02
CA ARG A 104 0.62 7.78 0.77
C ARG A 104 2.10 8.01 0.83
N GLY A 105 2.71 7.74 2.02
CA GLY A 105 4.11 7.83 2.22
C GLY A 105 4.68 6.43 2.31
N ASP A 106 5.75 6.17 1.61
CA ASP A 106 6.50 4.89 1.68
C ASP A 106 8.01 5.18 1.80
N THR A 107 8.68 4.25 2.45
CA THR A 107 10.10 4.23 2.47
C THR A 107 10.66 3.59 1.20
N PRO A 108 11.99 3.69 1.01
CA PRO A 108 12.57 3.14 -0.22
C PRO A 108 12.47 1.61 -0.31
N VAL A 109 12.09 0.93 0.78
CA VAL A 109 11.86 -0.55 0.74
C VAL A 109 10.94 -0.97 -0.42
N ILE A 110 9.98 -0.12 -0.81
CA ILE A 110 9.04 -0.51 -1.83
C ILE A 110 9.64 -0.62 -3.24
N SER A 111 10.82 -0.04 -3.47
CA SER A 111 11.55 -0.25 -4.71
C SER A 111 11.78 -1.76 -4.94
N ASN A 112 11.89 -2.53 -3.86
CA ASN A 112 12.04 -3.98 -3.98
C ASN A 112 10.76 -4.68 -4.53
N SER A 113 9.57 -4.06 -4.46
CA SER A 113 8.33 -4.61 -4.97
C SER A 113 7.96 -4.11 -6.34
N TYR A 114 8.55 -3.02 -6.78
CA TYR A 114 8.11 -2.35 -8.01
C TYR A 114 9.36 -2.07 -8.84
N SER A 115 9.59 -2.92 -9.83
CA SER A 115 10.87 -2.85 -10.62
C SER A 115 11.00 -1.54 -11.43
N TRP A 116 9.85 -1.02 -11.84
CA TRP A 116 9.75 0.30 -12.55
C TRP A 116 10.18 1.44 -11.65
N LEU A 117 9.87 1.32 -10.37
CA LEU A 117 10.27 2.32 -9.42
C LEU A 117 11.77 2.23 -9.14
N ALA A 118 12.25 1.02 -8.92
CA ALA A 118 13.69 0.78 -8.68
C ALA A 118 14.55 1.39 -9.82
N GLU A 119 14.12 1.12 -11.03
CA GLU A 119 14.77 1.65 -12.25
C GLU A 119 14.83 3.15 -12.27
N PHE A 120 13.67 3.76 -11.99
CA PHE A 120 13.55 5.19 -12.05
C PHE A 120 14.42 5.78 -10.98
N ILE A 121 14.38 5.20 -9.76
CA ILE A 121 15.25 5.67 -8.66
C ILE A 121 16.72 5.57 -9.04
N ASN A 122 17.13 4.40 -9.49
CA ASN A 122 18.51 4.20 -10.00
C ASN A 122 18.92 5.22 -11.04
N GLU A 123 18.07 5.54 -12.01
CA GLU A 123 18.45 6.52 -13.03
C GLU A 123 18.47 7.97 -12.52
N SER A 124 17.71 8.26 -11.46
CA SER A 124 17.41 9.64 -11.03
C SER A 124 18.23 10.14 -9.89
N GLU A 125 18.43 9.24 -8.93
CA GLU A 125 19.24 9.48 -7.72
C GLU A 125 20.37 10.47 -7.88
N GLY A 126 20.41 11.50 -7.04
CA GLY A 126 21.52 12.46 -7.03
C GLY A 126 21.56 13.47 -8.16
N LYS A 127 20.59 13.46 -9.06
CA LYS A 127 20.53 14.51 -10.07
C LYS A 127 20.21 15.83 -9.40
N SER A 128 20.69 16.92 -9.99
CA SER A 128 20.52 18.26 -9.41
C SER A 128 19.20 18.88 -9.84
N ASP A 129 18.60 18.36 -10.93
CA ASP A 129 17.30 18.90 -11.42
C ASP A 129 16.21 17.83 -11.33
N THR A 130 14.96 18.29 -11.35
CA THR A 130 13.77 17.39 -11.37
C THR A 130 13.70 16.67 -12.71
N VAL A 131 13.04 15.52 -12.69
CA VAL A 131 12.86 14.66 -13.86
C VAL A 131 11.50 14.06 -13.63
N GLN A 132 10.69 14.07 -14.68
CA GLN A 132 9.46 13.27 -14.73
C GLN A 132 9.60 12.18 -15.79
N LYS A 133 8.86 11.10 -15.61
CA LYS A 133 8.76 10.06 -16.58
C LYS A 133 7.29 9.69 -16.63
N SER A 134 6.68 9.91 -17.79
CA SER A 134 5.34 9.55 -18.01
C SER A 134 5.16 8.06 -18.11
N MET A 135 4.05 7.53 -17.59
CA MET A 135 3.80 6.06 -17.62
C MET A 135 2.37 5.76 -17.99
N ASP A 136 2.08 4.50 -18.26
CA ASP A 136 0.72 4.12 -18.41
C ASP A 136 0.49 2.71 -17.94
N LEU A 137 0.92 2.44 -16.72
CA LEU A 137 1.09 1.06 -16.32
C LEU A 137 -0.05 0.72 -15.35
N GLU A 138 -0.80 -0.34 -15.67
CA GLU A 138 -1.83 -0.84 -14.79
C GLU A 138 -1.26 -1.95 -13.91
N ILE A 139 -1.52 -1.85 -12.60
CA ILE A 139 -1.06 -2.84 -11.67
C ILE A 139 -2.22 -3.23 -10.72
N LYS A 140 -2.14 -4.43 -10.18
CA LYS A 140 -2.99 -4.87 -9.10
C LYS A 140 -2.16 -4.78 -7.81
N SER A 141 -2.65 -4.10 -6.80
CA SER A 141 -1.81 -3.70 -5.71
C SER A 141 -1.58 -4.98 -4.89
N PRO A 142 -0.35 -5.20 -4.47
CA PRO A 142 -0.06 -6.44 -3.78
C PRO A 142 -0.21 -6.33 -2.29
N LEU A 143 -0.79 -5.25 -1.79
CA LEU A 143 -1.19 -5.13 -0.36
C LEU A 143 -2.56 -4.51 -0.23
N ILE A 144 -3.08 -4.59 0.99
CA ILE A 144 -4.17 -3.74 1.43
C ILE A 144 -3.52 -2.37 1.77
N MET A 145 -3.85 -1.37 1.01
CA MET A 145 -3.09 -0.16 1.07
C MET A 145 -3.86 0.97 1.77
N SER A 146 -3.23 1.56 2.79
CA SER A 146 -3.76 2.72 3.47
C SER A 146 -3.25 3.96 2.83
N THR A 147 -4.07 4.99 2.86
CA THR A 147 -3.75 6.24 2.26
C THR A 147 -4.34 7.33 3.17
N ALA A 148 -3.88 8.57 3.03
CA ALA A 148 -4.32 9.67 3.86
C ALA A 148 -5.02 10.73 2.99
N LYS A 149 -6.03 11.39 3.56
CA LYS A 149 -6.66 12.55 2.93
C LYS A 149 -5.71 13.73 2.85
N ASP A 150 -4.90 13.89 3.87
CA ASP A 150 -4.06 15.10 3.97
C ASP A 150 -2.61 14.70 3.85
N PRO A 151 -1.86 15.25 2.86
CA PRO A 151 -0.44 14.85 2.77
C PRO A 151 0.45 15.32 3.93
N LYS A 152 -0.08 16.23 4.76
CA LYS A 152 0.63 16.71 5.89
C LYS A 152 0.65 15.79 7.07
N MET A 153 -0.15 14.76 7.11
CA MET A 153 -0.04 13.80 8.21
C MET A 153 1.42 13.33 8.45
N GLY A 154 1.82 13.18 9.71
CA GLY A 154 3.25 13.04 10.00
C GLY A 154 3.82 11.72 9.47
N TYR A 155 2.95 10.74 9.28
CA TYR A 155 3.36 9.46 8.77
C TYR A 155 3.49 9.50 7.22
N VAL A 156 2.97 10.53 6.57
CA VAL A 156 3.23 10.70 5.14
C VAL A 156 4.41 11.64 4.87
N SER A 157 4.41 12.79 5.57
CA SER A 157 5.25 13.92 5.15
C SER A 157 6.76 13.73 5.23
N GLY A 158 7.23 12.81 6.07
CA GLY A 158 8.63 12.56 6.16
C GLY A 158 9.18 11.42 5.33
N LYS A 159 8.32 10.71 4.56
CA LYS A 159 8.71 9.55 3.77
C LYS A 159 9.39 9.92 2.49
N THR A 160 10.31 9.07 2.07
CA THR A 160 11.09 9.32 0.88
C THR A 160 10.23 9.33 -0.39
N ILE A 161 9.23 8.46 -0.43
CA ILE A 161 8.38 8.32 -1.61
C ILE A 161 6.96 8.72 -1.19
N MET A 162 6.31 9.51 -2.03
CA MET A 162 4.92 9.82 -1.79
C MET A 162 4.12 9.46 -3.04
N TRP A 163 3.01 8.77 -2.84
CA TRP A 163 2.05 8.58 -3.90
C TRP A 163 0.98 9.67 -3.85
N HIS A 164 0.55 10.11 -5.01
CA HIS A 164 -0.55 11.04 -5.13
C HIS A 164 -1.57 10.35 -5.99
N PHE A 165 -2.65 9.95 -5.33
CA PHE A 165 -3.74 9.20 -5.94
C PHE A 165 -4.87 10.10 -6.36
N ASP A 166 -5.21 9.96 -7.63
CA ASP A 166 -6.47 10.49 -8.20
C ASP A 166 -7.52 9.40 -8.13
N LEU A 167 -8.59 9.66 -7.38
CA LEU A 167 -9.64 8.64 -7.20
C LEU A 167 -10.69 8.75 -8.31
N GLU A 168 -10.82 7.75 -9.17
CA GLU A 168 -11.84 7.84 -10.27
C GLU A 168 -13.20 7.44 -9.64
N PRO A 169 -14.32 7.99 -10.15
CA PRO A 169 -15.64 7.54 -9.66
C PRO A 169 -15.78 6.02 -9.70
N GLY A 170 -16.31 5.42 -8.65
CA GLY A 170 -16.42 3.94 -8.60
C GLY A 170 -15.16 3.27 -8.04
N HIS A 171 -14.19 4.07 -7.59
CA HIS A 171 -12.95 3.49 -6.95
C HIS A 171 -13.29 2.73 -5.71
N ALA A 172 -12.34 1.95 -5.22
CA ALA A 172 -12.55 1.01 -4.14
C ALA A 172 -12.07 1.49 -2.77
N GLY A 173 -11.78 2.78 -2.61
CA GLY A 173 -11.25 3.30 -1.36
C GLY A 173 -12.37 3.44 -0.33
N VAL A 174 -12.11 3.00 0.89
CA VAL A 174 -13.08 3.12 1.92
C VAL A 174 -12.59 3.87 3.13
N SER A 175 -13.51 4.60 3.73
CA SER A 175 -13.29 5.26 4.98
C SER A 175 -13.79 4.37 6.05
N GLU A 176 -13.01 3.35 6.36
CA GLU A 176 -13.46 2.32 7.26
C GLU A 176 -12.30 1.74 8.07
N GLY A 177 -12.52 1.41 9.33
CA GLY A 177 -11.47 0.79 10.15
C GLY A 177 -10.81 1.72 11.15
N LEU A 178 -9.65 1.31 11.61
CA LEU A 178 -9.14 1.75 12.85
C LEU A 178 -8.71 3.20 12.81
N TYR A 179 -8.36 3.73 11.63
CA TYR A 179 -7.88 5.10 11.53
C TYR A 179 -8.75 5.92 10.61
N ALA A 180 -9.94 5.41 10.28
CA ALA A 180 -10.88 6.18 9.45
C ALA A 180 -11.18 7.54 10.04
N SER A 181 -11.34 7.62 11.35
CA SER A 181 -11.65 8.92 12.01
C SER A 181 -10.41 9.84 12.03
N GLU A 182 -9.21 9.34 11.68
CA GLU A 182 -8.01 10.16 11.54
C GLU A 182 -7.65 10.44 10.07
N GLY A 183 -8.61 10.22 9.11
CA GLY A 183 -8.49 10.54 7.71
C GLY A 183 -7.95 9.42 6.80
N GLU A 184 -7.85 8.21 7.31
CA GLU A 184 -7.23 7.13 6.51
C GLU A 184 -8.29 6.59 5.56
N VAL A 185 -7.92 6.42 4.27
CA VAL A 185 -8.74 5.77 3.28
C VAL A 185 -8.01 4.51 2.82
N THR A 186 -8.66 3.38 2.89
CA THR A 186 -8.04 2.13 2.54
C THR A 186 -8.52 1.47 1.26
N PHE A 187 -7.60 0.75 0.60
CA PHE A 187 -7.89 0.12 -0.68
C PHE A 187 -7.67 -1.33 -0.51
N PRO A 188 -8.43 -2.15 -1.26
CA PRO A 188 -8.33 -3.56 -1.04
C PRO A 188 -7.15 -4.26 -1.69
N LEU A 189 -6.83 -5.44 -1.18
CA LEU A 189 -5.86 -6.32 -1.87
C LEU A 189 -6.25 -6.49 -3.36
N TYR A 190 -5.29 -6.37 -4.26
CA TYR A 190 -5.52 -6.42 -5.73
C TYR A 190 -6.25 -5.24 -6.31
N ASN A 191 -6.38 -4.15 -5.54
CA ASN A 191 -6.92 -2.91 -6.07
C ASN A 191 -6.20 -2.55 -7.36
N ARG A 192 -6.97 -2.15 -8.35
CA ARG A 192 -6.43 -1.74 -9.63
C ARG A 192 -6.07 -0.28 -9.63
N MET A 193 -4.86 -0.01 -10.09
CA MET A 193 -4.38 1.36 -10.26
C MET A 193 -3.62 1.50 -11.58
N LYS A 194 -3.58 2.72 -12.07
CA LYS A 194 -2.87 3.06 -13.29
C LYS A 194 -1.79 4.07 -12.92
N ILE A 195 -0.53 3.69 -13.05
CA ILE A 195 0.58 4.57 -12.78
C ILE A 195 0.64 5.51 -13.99
N THR A 196 0.56 6.81 -13.73
CA THR A 196 0.66 7.75 -14.81
C THR A 196 1.94 8.55 -14.88
N SER A 197 2.68 8.68 -13.78
CA SER A 197 3.88 9.55 -13.78
C SER A 197 4.79 9.20 -12.63
N LEU A 198 6.10 9.23 -12.86
CA LEU A 198 7.09 9.19 -11.76
C LEU A 198 7.82 10.47 -11.82
N GLN A 199 7.99 11.10 -10.66
CA GLN A 199 8.80 12.35 -10.54
C GLN A 199 9.92 12.23 -9.54
N TYR A 200 11.06 12.83 -9.88
CA TYR A 200 12.18 12.91 -8.98
C TYR A 200 12.36 14.36 -8.53
N LEU A 201 12.67 14.49 -7.27
CA LEU A 201 12.78 15.79 -6.61
C LEU A 201 14.12 15.85 -5.91
N PRO A 202 15.05 16.65 -6.45
CA PRO A 202 16.27 16.89 -5.65
C PRO A 202 16.05 17.40 -4.20
N GLU A 203 17.05 17.26 -3.37
CA GLU A 203 17.10 17.89 -2.04
C GLU A 203 16.66 19.33 -2.05
N GLY A 204 15.87 19.72 -1.08
CA GLY A 204 15.31 21.08 -1.09
C GLY A 204 14.12 21.35 -1.99
N ARG A 205 13.82 20.48 -2.95
CA ARG A 205 12.71 20.69 -3.89
C ARG A 205 11.44 20.02 -3.32
N SER A 206 10.28 20.56 -3.68
CA SER A 206 8.98 20.07 -3.16
C SER A 206 8.05 19.74 -4.32
N TYR A 207 7.19 18.74 -4.08
CA TYR A 207 6.17 18.41 -5.05
C TYR A 207 5.33 19.68 -5.38
N MET A 208 5.12 19.92 -6.68
CA MET A 208 4.38 21.08 -7.16
C MET A 208 5.01 22.39 -6.64
N ASP A 209 6.27 22.36 -6.22
CA ASP A 209 6.92 23.52 -5.60
C ASP A 209 6.09 24.14 -4.49
N ASN A 210 5.44 23.29 -3.70
CA ASN A 210 4.61 23.69 -2.60
C ASN A 210 5.12 23.04 -1.32
N PRO A 211 6.13 23.64 -0.73
CA PRO A 211 6.69 23.15 0.53
C PRO A 211 5.73 23.12 1.73
N GLU A 212 4.80 24.07 1.82
CA GLU A 212 3.96 24.17 3.00
C GLU A 212 2.98 22.99 3.05
N GLN A 213 2.52 22.54 1.87
CA GLN A 213 1.64 21.34 1.75
C GLN A 213 2.37 19.98 1.70
N TYR A 214 3.49 19.92 1.01
CA TYR A 214 4.17 18.66 0.67
C TYR A 214 5.56 18.46 1.30
N GLY A 215 6.05 19.47 2.03
CA GLY A 215 7.36 19.40 2.60
C GLY A 215 8.47 19.33 1.59
N THR A 216 9.60 18.92 2.13
CA THR A 216 10.83 18.78 1.42
C THR A 216 11.49 17.43 1.65
N SER A 217 10.76 16.44 2.21
CA SER A 217 11.35 15.16 2.44
C SER A 217 11.14 14.10 1.35
N HIS A 218 10.18 14.29 0.41
CA HIS A 218 9.98 13.30 -0.65
C HIS A 218 11.04 13.49 -1.76
N ARG A 219 11.76 12.46 -2.09
CA ARG A 219 12.60 12.45 -3.30
C ARG A 219 11.85 11.94 -4.52
N TYR A 220 10.79 11.15 -4.33
CA TYR A 220 10.07 10.52 -5.44
C TYR A 220 8.54 10.65 -5.22
N ILE A 221 7.86 11.04 -6.29
CA ILE A 221 6.41 11.09 -6.36
C ILE A 221 5.89 10.11 -7.38
N ILE A 222 5.00 9.27 -6.93
CA ILE A 222 4.27 8.38 -7.84
C ILE A 222 2.86 8.93 -7.99
N LYS A 223 2.48 9.35 -9.20
CA LYS A 223 1.12 9.71 -9.52
C LYS A 223 0.41 8.50 -10.14
N ALA A 224 -0.77 8.21 -9.62
CA ALA A 224 -1.57 7.09 -10.04
C ALA A 224 -3.04 7.36 -9.89
N ARG A 225 -3.84 6.62 -10.66
CA ARG A 225 -5.28 6.70 -10.61
C ARG A 225 -5.80 5.47 -10.03
N MET A 226 -6.72 5.62 -9.08
CA MET A 226 -7.39 4.42 -8.48
C MET A 226 -8.61 4.13 -9.38
N LEU A 227 -8.68 2.93 -9.91
CA LEU A 227 -9.66 2.57 -10.97
C LEU A 227 -10.87 1.90 -10.35
N PRO A 228 -12.00 1.90 -11.10
CA PRO A 228 -13.23 1.36 -10.58
C PRO A 228 -13.12 -0.09 -10.30
N ARG A 229 -13.93 -0.50 -9.32
CA ARG A 229 -13.75 -1.73 -8.52
C ARG A 229 -13.93 -3.04 -9.32
#